data_4LKX
#
_entry.id   4LKX
#
_cell.length_a   42.045
_cell.length_b   107.156
_cell.length_c   110.215
_cell.angle_alpha   90.00
_cell.angle_beta   90.00
_cell.angle_gamma   90.00
#
_symmetry.space_group_name_H-M   'P 21 21 21'
#
loop_
_entity.id
_entity.type
_entity.pdbx_description
1 polymer 'Fab fragment heavy chain'
2 polymer 'Fab fragment light chain'
3 polymer 'CemX segment'
4 water water
#
loop_
_entity_poly.entity_id
_entity_poly.type
_entity_poly.pdbx_seq_one_letter_code
_entity_poly.pdbx_strand_id
1 'polypeptide(L)'
;QVQLQESGPGLVKPSETLSLTCTVSGYSITSDYAWNWIRQPPGKGLEWIGSISYSGITGYNPSLKSRVTISRDTSKNQFS
LKLSSVTAADTAVYYCARMGYDGLAYWGQGTLVTVSSASTKGPSVFPLAPSSKSTSGGTAALGCLVKDYFPEPVTVSWNS
GALTSGVHTFPAVLQSSGLYSLSSVVTVPSSSLGTQTYICNVNHKPSNTKVDKKAEPKSCDKTHT
;
A
2 'polypeptide(L)'
;DIVMTQTPLSLSVTPGQPASISCRSSQSIVHSNGNTYLEWYLQKPGQSPQLLIYKVSNRFSGVPDRFSGSGSGTDFTLKI
SRVEAEDVGVYYCFQGSHVPPTFGGGTKVEIKRTVAAPSVFIFPPSDEQLKSGTASVVCLLNNFYPREAKVQWKVDNALQ
SGNSQESVTEQDSKDSTYSLSSTLTLSKADYEKHKVYACEVTHQGLSSPVTKSFNRGEC
;
B
3 'polypeptide(L)' LAGGSAQSQRAPDR R
#
# COMPACT_ATOMS: atom_id res chain seq x y z
N GLN A 1 -0.08 18.18 -18.03
CA GLN A 1 0.09 17.57 -16.68
C GLN A 1 1.47 16.95 -16.51
N VAL A 2 2.19 17.44 -15.51
CA VAL A 2 3.40 16.80 -15.07
C VAL A 2 3.10 15.40 -14.54
N GLN A 3 3.76 14.40 -15.10
CA GLN A 3 3.62 13.01 -14.66
C GLN A 3 4.99 12.32 -14.60
N LEU A 4 5.18 11.51 -13.56
CA LEU A 4 6.42 10.77 -13.37
C LEU A 4 6.07 9.28 -13.33
N GLN A 5 6.85 8.49 -14.04
CA GLN A 5 6.52 7.07 -14.19
C GLN A 5 7.80 6.22 -14.09
N GLU A 6 7.90 5.48 -12.97
CA GLU A 6 9.04 4.61 -12.68
C GLU A 6 8.94 3.37 -13.57
N SER A 7 10.06 2.76 -13.85
CA SER A 7 10.06 1.44 -14.48
C SER A 7 9.44 0.38 -13.54
N GLY A 8 9.31 -0.85 -14.06
CA GLY A 8 8.43 -1.86 -13.47
C GLY A 8 9.10 -2.60 -12.32
N PRO A 9 8.28 -3.29 -11.51
CA PRO A 9 8.74 -3.98 -10.31
C PRO A 9 9.41 -5.30 -10.68
N GLY A 10 10.29 -5.77 -9.80
CA GLY A 10 10.74 -7.14 -9.91
C GLY A 10 11.94 -7.43 -9.06
N LEU A 11 12.60 -8.53 -9.41
CA LEU A 11 13.61 -9.15 -8.55
C LEU A 11 14.95 -8.58 -8.97
N VAL A 12 15.89 -8.48 -8.03
CA VAL A 12 17.32 -8.32 -8.30
C VAL A 12 18.04 -9.23 -7.32
N LYS A 13 19.06 -9.95 -7.77
CA LYS A 13 19.70 -10.92 -6.89
C LYS A 13 20.60 -10.17 -5.95
N PRO A 14 20.80 -10.70 -4.74
CA PRO A 14 21.64 -9.97 -3.82
C PRO A 14 23.09 -9.87 -4.36
N SER A 15 23.81 -8.83 -3.97
CA SER A 15 25.13 -8.53 -4.51
C SER A 15 25.16 -7.85 -5.91
N GLU A 16 24.04 -7.89 -6.63
CA GLU A 16 23.95 -7.25 -7.92
C GLU A 16 23.47 -5.80 -7.76
N THR A 17 23.13 -5.16 -8.88
CA THR A 17 22.85 -3.71 -8.88
C THR A 17 21.40 -3.51 -9.28
N LEU A 18 20.66 -2.88 -8.37
CA LEU A 18 19.28 -2.49 -8.62
C LEU A 18 19.32 -1.32 -9.57
N SER A 19 18.45 -1.35 -10.58
CA SER A 19 18.46 -0.30 -11.57
C SER A 19 17.04 0.14 -11.89
N LEU A 20 16.75 1.43 -11.71
CA LEU A 20 15.40 1.97 -11.98
C LEU A 20 15.47 3.21 -12.86
N THR A 21 14.44 3.45 -13.67
CA THR A 21 14.36 4.73 -14.33
C THR A 21 13.04 5.40 -13.98
N CYS A 22 13.06 6.73 -14.02
CA CYS A 22 11.85 7.50 -13.99
C CYS A 22 11.72 8.32 -15.29
N THR A 23 10.63 8.10 -16.00
CA THR A 23 10.33 8.88 -17.20
C THR A 23 9.37 10.02 -16.89
N VAL A 24 9.77 11.24 -17.24
CA VAL A 24 8.98 12.46 -16.94
C VAL A 24 8.24 12.91 -18.21
N SER A 25 6.93 13.17 -18.09
CA SER A 25 6.17 13.78 -19.18
C SER A 25 5.41 15.03 -18.73
N GLY A 26 5.17 15.93 -19.69
CA GLY A 26 4.55 17.24 -19.41
C GLY A 26 5.48 18.29 -18.84
N TYR A 27 6.77 18.01 -18.84
CA TYR A 27 7.73 18.93 -18.25
C TYR A 27 9.10 18.40 -18.65
N SER A 28 10.03 19.31 -18.97
CA SER A 28 11.40 18.91 -19.26
C SER A 28 12.23 18.90 -17.98
N ILE A 29 12.96 17.80 -17.76
CA ILE A 29 13.84 17.69 -16.60
C ILE A 29 14.90 18.80 -16.50
N THR A 30 15.29 19.34 -17.64
CA THR A 30 16.28 20.42 -17.59
C THR A 30 15.75 21.84 -17.45
N SER A 31 14.42 22.01 -17.48
CA SER A 31 13.82 23.33 -17.21
C SER A 31 14.09 23.88 -15.81
N ASP A 32 13.97 23.02 -14.79
CA ASP A 32 14.00 23.49 -13.38
C ASP A 32 13.69 22.30 -12.45
N TYR A 33 13.90 22.49 -11.15
CA TYR A 33 13.58 21.50 -10.14
C TYR A 33 14.64 20.45 -9.99
N ALA A 34 14.47 19.65 -8.93
CA ALA A 34 15.38 18.53 -8.65
C ALA A 34 14.60 17.23 -8.60
N TRP A 35 15.26 16.18 -9.07
CA TRP A 35 14.62 14.93 -9.43
C TRP A 35 15.22 13.80 -8.60
N ASN A 36 14.08 13.45 -7.66
CA ASN A 36 14.49 12.76 -6.44
C ASN A 36 14.21 11.26 -6.50
N TRP A 37 14.99 10.48 -5.74
CA TRP A 37 14.64 9.09 -5.39
C TRP A 37 14.48 8.90 -3.89
N ILE A 38 13.45 8.16 -3.51
CA ILE A 38 13.00 8.01 -2.12
C ILE A 38 12.49 6.56 -2.06
N ARG A 39 12.81 5.84 -0.99
CA ARG A 39 12.27 4.49 -0.87
C ARG A 39 11.52 4.26 0.44
N GLN A 40 10.71 3.20 0.48
CA GLN A 40 10.01 2.87 1.70
C GLN A 40 10.06 1.33 1.90
N PRO A 41 10.97 0.87 2.75
CA PRO A 41 11.07 -0.58 2.98
C PRO A 41 9.78 -1.10 3.64
N PRO A 42 9.47 -2.40 3.45
CA PRO A 42 8.20 -2.97 3.95
C PRO A 42 7.87 -2.57 5.39
N GLY A 43 6.73 -1.90 5.54
CA GLY A 43 6.21 -1.50 6.85
C GLY A 43 7.01 -0.44 7.58
N LYS A 44 7.97 0.19 6.90
CA LYS A 44 8.77 1.26 7.49
C LYS A 44 8.42 2.59 6.85
N GLY A 45 9.18 3.62 7.20
CA GLY A 45 8.91 4.98 6.72
C GLY A 45 9.75 5.29 5.49
N LEU A 46 9.90 6.58 5.19
CA LEU A 46 10.38 7.00 3.90
C LEU A 46 11.81 7.48 4.08
N GLU A 47 12.66 7.07 3.15
CA GLU A 47 14.09 7.45 3.20
C GLU A 47 14.47 8.12 1.92
N TRP A 48 15.16 9.26 2.03
CA TRP A 48 15.62 9.97 0.84
C TRP A 48 16.90 9.34 0.38
N ILE A 49 16.94 8.92 -0.89
CA ILE A 49 18.15 8.28 -1.44
C ILE A 49 19.07 9.31 -2.08
N GLY A 50 18.50 10.23 -2.86
CA GLY A 50 19.34 11.25 -3.47
C GLY A 50 18.57 11.92 -4.60
N SER A 51 19.22 12.86 -5.26
CA SER A 51 18.54 13.57 -6.35
C SER A 51 19.52 14.02 -7.43
N ILE A 52 18.96 14.45 -8.56
CA ILE A 52 19.77 15.17 -9.54
C ILE A 52 19.04 16.44 -9.94
N SER A 53 19.76 17.57 -10.01
CA SER A 53 19.10 18.82 -10.32
C SER A 53 18.85 18.98 -11.82
N TYR A 54 18.06 19.99 -12.17
CA TYR A 54 17.86 20.37 -13.57
C TYR A 54 19.22 20.61 -14.26
N SER A 55 20.24 20.96 -13.50
CA SER A 55 21.52 21.30 -14.09
C SER A 55 22.53 20.16 -14.01
N GLY A 56 22.05 18.99 -13.64
CA GLY A 56 22.91 17.83 -13.59
C GLY A 56 23.65 17.61 -12.28
N ILE A 57 23.42 18.47 -11.29
CA ILE A 57 24.16 18.35 -10.01
C ILE A 57 23.52 17.30 -9.08
N THR A 58 24.30 16.33 -8.59
CA THR A 58 23.71 15.21 -7.86
C THR A 58 23.98 15.41 -6.37
N GLY A 59 23.04 14.95 -5.55
CA GLY A 59 23.28 14.95 -4.09
C GLY A 59 22.84 13.59 -3.57
N TYR A 60 23.52 13.09 -2.57
CA TYR A 60 23.28 11.73 -2.14
C TYR A 60 23.07 11.71 -0.64
N ASN A 61 22.26 10.77 -0.17
CA ASN A 61 22.24 10.45 1.28
C ASN A 61 23.63 9.97 1.74
N PRO A 62 24.27 10.66 2.69
CA PRO A 62 25.63 10.24 3.02
C PRO A 62 25.71 8.77 3.41
N SER A 63 24.63 8.22 3.95
CA SER A 63 24.66 6.83 4.42
C SER A 63 24.67 5.84 3.28
N LEU A 64 24.26 6.29 2.10
CA LEU A 64 24.04 5.40 0.96
C LEU A 64 25.00 5.76 -0.17
N LYS A 65 25.71 6.87 0.01
CA LYS A 65 26.46 7.52 -1.07
C LYS A 65 27.38 6.51 -1.80
N SER A 66 28.06 5.67 -1.04
CA SER A 66 29.06 4.83 -1.72
C SER A 66 28.47 3.70 -2.56
N ARG A 67 27.15 3.51 -2.48
CA ARG A 67 26.53 2.46 -3.26
C ARG A 67 25.58 3.04 -4.32
N VAL A 68 25.39 4.36 -4.31
CA VAL A 68 24.32 4.97 -5.16
C VAL A 68 24.92 5.72 -6.36
N THR A 69 24.28 5.61 -7.51
CA THR A 69 24.55 6.50 -8.64
C THR A 69 23.23 6.99 -9.22
N ILE A 70 23.16 8.28 -9.52
CA ILE A 70 21.99 8.86 -10.15
C ILE A 70 22.42 9.64 -11.38
N SER A 71 21.70 9.48 -12.48
CA SER A 71 22.05 10.21 -13.69
C SER A 71 20.81 10.68 -14.39
N ARG A 72 20.98 11.55 -15.38
CA ARG A 72 19.89 11.97 -16.27
C ARG A 72 20.17 11.51 -17.70
N ASP A 73 19.12 11.16 -18.42
CA ASP A 73 19.24 10.87 -19.86
C ASP A 73 18.33 11.82 -20.58
N THR A 74 18.85 12.99 -20.93
CA THR A 74 17.95 14.06 -21.37
C THR A 74 17.34 13.74 -22.73
N SER A 75 17.95 12.83 -23.48
CA SER A 75 17.38 12.41 -24.73
C SER A 75 16.05 11.68 -24.55
N LYS A 76 15.82 11.02 -23.41
CA LYS A 76 14.49 10.33 -23.20
C LYS A 76 13.68 11.04 -22.11
N ASN A 77 14.18 12.17 -21.62
CA ASN A 77 13.61 12.91 -20.49
C ASN A 77 13.42 11.99 -19.28
N GLN A 78 14.48 11.28 -18.93
CA GLN A 78 14.45 10.25 -17.88
C GLN A 78 15.54 10.58 -16.91
N PHE A 79 15.38 10.10 -15.67
CA PHE A 79 16.50 10.04 -14.74
C PHE A 79 16.49 8.71 -14.02
N SER A 80 17.66 8.28 -13.59
CA SER A 80 17.86 6.88 -13.24
C SER A 80 18.46 6.72 -11.87
N LEU A 81 18.31 5.52 -11.35
CA LEU A 81 18.97 5.21 -10.08
C LEU A 81 19.66 3.84 -10.20
N LYS A 82 20.92 3.78 -9.77
CA LYS A 82 21.55 2.47 -9.54
C LYS A 82 22.02 2.34 -8.12
N LEU A 83 21.71 1.17 -7.54
CA LEU A 83 22.11 0.87 -6.18
C LEU A 83 22.80 -0.50 -6.14
N SER A 84 24.18 -0.33 -5.78
CA SER A 84 24.89 -1.57 -6.01
C SER A 84 24.92 -2.47 -4.75
N SER A 85 25.51 -3.63 -4.81
CA SER A 85 25.78 -4.56 -3.73
C SER A 85 24.56 -4.83 -2.84
N VAL A 86 23.38 -5.02 -3.50
CA VAL A 86 22.22 -4.96 -2.63
C VAL A 86 22.10 -6.19 -1.71
N THR A 87 21.24 -6.07 -0.69
CA THR A 87 20.76 -7.21 0.12
C THR A 87 19.26 -7.06 0.38
N ALA A 88 18.69 -7.98 1.14
CA ALA A 88 17.27 -7.89 1.57
C ALA A 88 16.92 -6.56 2.20
N ALA A 89 17.92 -5.89 2.76
CA ALA A 89 17.67 -4.59 3.39
C ALA A 89 17.32 -3.53 2.37
N ASP A 90 17.53 -3.82 1.08
CA ASP A 90 17.23 -2.85 0.02
C ASP A 90 15.92 -3.17 -0.66
N THR A 91 15.26 -4.24 -0.21
CA THR A 91 13.89 -4.52 -0.70
C THR A 91 12.97 -3.36 -0.22
N ALA A 92 12.27 -2.73 -1.16
CA ALA A 92 11.47 -1.55 -0.80
C ALA A 92 10.61 -1.12 -1.97
N VAL A 93 9.65 -0.22 -1.69
CA VAL A 93 9.02 0.50 -2.77
C VAL A 93 9.87 1.73 -3.05
N TYR A 94 10.23 1.91 -4.31
CA TYR A 94 11.08 3.03 -4.70
C TYR A 94 10.19 4.02 -5.44
N TYR A 95 10.28 5.31 -5.06
CA TYR A 95 9.47 6.39 -5.63
C TYR A 95 10.41 7.36 -6.34
N CYS A 96 9.99 7.92 -7.47
CA CYS A 96 10.63 9.15 -7.97
C CYS A 96 9.75 10.36 -7.67
N ALA A 97 10.35 11.54 -7.46
CA ALA A 97 9.57 12.72 -7.09
C ALA A 97 10.24 13.99 -7.58
N ARG A 98 9.42 14.99 -7.87
CA ARG A 98 9.98 16.28 -8.25
C ARG A 98 9.96 17.23 -7.06
N MET A 99 11.12 17.80 -6.70
CA MET A 99 11.25 18.75 -5.59
C MET A 99 11.43 20.18 -6.09
N GLY A 100 10.70 21.11 -5.46
CA GLY A 100 10.94 22.52 -5.57
C GLY A 100 10.99 23.12 -4.17
N TYR A 101 11.24 24.42 -4.11
CA TYR A 101 11.22 25.17 -2.85
C TYR A 101 9.89 24.89 -2.15
N ASP A 102 8.86 24.64 -2.92
CA ASP A 102 7.50 24.50 -2.36
C ASP A 102 7.00 23.06 -2.34
N GLY A 103 7.94 22.12 -2.22
CA GLY A 103 7.64 20.75 -1.83
C GLY A 103 7.84 19.70 -2.92
N LEU A 104 7.59 18.44 -2.55
CA LEU A 104 7.59 17.31 -3.49
C LEU A 104 6.21 17.18 -4.05
N ALA A 105 5.90 18.05 -5.00
CA ALA A 105 4.56 18.24 -5.45
C ALA A 105 4.11 17.08 -6.32
N TYR A 106 5.04 16.41 -6.99
CA TYR A 106 4.66 15.35 -7.91
C TYR A 106 5.46 14.10 -7.60
N TRP A 107 4.80 12.95 -7.64
CA TRP A 107 5.43 11.66 -7.32
C TRP A 107 5.13 10.66 -8.39
N GLY A 108 6.05 9.73 -8.62
CA GLY A 108 5.69 8.53 -9.39
C GLY A 108 4.83 7.60 -8.54
N GLN A 109 4.35 6.52 -9.17
CA GLN A 109 3.41 5.63 -8.53
C GLN A 109 4.08 4.62 -7.57
N GLY A 110 5.40 4.54 -7.57
CA GLY A 110 6.07 3.62 -6.64
C GLY A 110 6.28 2.27 -7.32
N THR A 111 7.48 1.73 -7.18
CA THR A 111 7.80 0.44 -7.79
C THR A 111 8.53 -0.44 -6.78
N LEU A 112 7.96 -1.61 -6.53
CA LEU A 112 8.46 -2.55 -5.54
C LEU A 112 9.62 -3.30 -6.14
N VAL A 113 10.77 -3.24 -5.50
CA VAL A 113 11.91 -4.06 -5.96
C VAL A 113 12.21 -5.03 -4.81
N THR A 114 12.15 -6.32 -5.11
CA THR A 114 12.48 -7.35 -4.13
C THR A 114 13.91 -7.88 -4.40
N VAL A 115 14.78 -7.82 -3.38
CA VAL A 115 16.13 -8.37 -3.46
C VAL A 115 16.15 -9.83 -2.96
N SER A 116 16.21 -10.77 -3.90
CA SER A 116 16.23 -12.21 -3.56
C SER A 116 16.88 -13.03 -4.67
N SER A 117 17.50 -14.15 -4.29
CA SER A 117 17.95 -15.16 -5.26
C SER A 117 16.82 -16.01 -5.80
N ALA A 118 15.67 -15.95 -5.13
CA ALA A 118 14.52 -16.78 -5.52
C ALA A 118 14.08 -16.48 -6.96
N SER A 119 13.40 -17.43 -7.59
CA SER A 119 12.93 -17.27 -8.99
C SER A 119 11.60 -16.52 -9.10
N THR A 120 11.41 -15.85 -10.23
CA THR A 120 10.13 -15.27 -10.58
C THR A 120 9.18 -16.41 -10.80
N LYS A 121 7.97 -16.29 -10.30
CA LYS A 121 6.95 -17.29 -10.62
C LYS A 121 5.59 -16.63 -10.76
N GLY A 122 4.87 -16.96 -11.83
CA GLY A 122 3.57 -16.33 -12.07
C GLY A 122 2.43 -17.04 -11.36
N PRO A 123 1.31 -16.32 -11.10
CA PRO A 123 0.22 -16.83 -10.26
C PRO A 123 -0.64 -17.88 -10.94
N SER A 124 -1.33 -18.70 -10.16
CA SER A 124 -2.59 -19.37 -10.61
C SER A 124 -3.80 -18.67 -10.07
N VAL A 125 -4.91 -18.71 -10.80
CA VAL A 125 -6.07 -17.94 -10.40
C VAL A 125 -7.31 -18.81 -10.30
N PHE A 126 -7.88 -18.88 -9.10
CA PHE A 126 -9.00 -19.78 -8.85
C PHE A 126 -10.23 -18.95 -8.52
N PRO A 127 -11.41 -19.44 -8.92
CA PRO A 127 -12.62 -18.72 -8.51
C PRO A 127 -12.93 -18.90 -7.03
N LEU A 128 -13.51 -17.86 -6.44
CA LEU A 128 -14.28 -18.01 -5.21
C LEU A 128 -15.75 -17.86 -5.56
N ALA A 129 -16.47 -18.98 -5.57
CA ALA A 129 -17.83 -19.02 -6.15
C ALA A 129 -18.87 -18.34 -5.25
N PRO A 130 -19.77 -17.57 -5.86
CA PRO A 130 -20.89 -16.97 -5.13
C PRO A 130 -21.93 -18.02 -4.75
N SER A 136 -28.27 -13.38 2.16
CA SER A 136 -28.56 -12.43 3.23
C SER A 136 -28.46 -10.97 2.74
N GLY A 137 -29.35 -10.59 1.82
CA GLY A 137 -30.45 -11.45 1.39
C GLY A 137 -30.24 -12.09 0.03
N GLY A 138 -30.23 -11.27 -1.01
CA GLY A 138 -29.91 -9.86 -0.86
C GLY A 138 -28.56 -9.58 -1.48
N THR A 139 -27.50 -9.73 -0.70
CA THR A 139 -26.15 -9.57 -1.22
C THR A 139 -25.29 -10.84 -1.14
N ALA A 140 -24.78 -11.27 -2.29
CA ALA A 140 -23.81 -12.35 -2.34
C ALA A 140 -22.36 -11.84 -2.35
N ALA A 141 -21.42 -12.70 -1.99
CA ALA A 141 -20.00 -12.33 -2.13
C ALA A 141 -19.32 -13.28 -3.12
N LEU A 142 -18.37 -12.78 -3.89
CA LEU A 142 -17.60 -13.64 -4.80
C LEU A 142 -16.21 -13.02 -4.99
N GLY A 143 -15.31 -13.74 -5.64
CA GLY A 143 -13.91 -13.29 -5.64
C GLY A 143 -12.98 -14.17 -6.44
N CYS A 144 -11.69 -13.81 -6.40
CA CYS A 144 -10.65 -14.65 -7.01
C CYS A 144 -9.54 -14.86 -6.01
N LEU A 145 -8.98 -16.07 -6.02
CA LEU A 145 -7.81 -16.40 -5.21
C LEU A 145 -6.61 -16.50 -6.13
N VAL A 146 -5.61 -15.64 -5.87
CA VAL A 146 -4.44 -15.49 -6.72
C VAL A 146 -3.23 -16.05 -5.99
N LYS A 147 -2.77 -17.22 -6.43
CA LYS A 147 -1.98 -18.11 -5.59
C LYS A 147 -0.61 -18.42 -6.20
N ASP A 148 0.39 -18.53 -5.35
CA ASP A 148 1.65 -19.15 -5.69
C ASP A 148 2.41 -18.32 -6.71
N TYR A 149 2.72 -17.08 -6.33
CA TYR A 149 3.46 -16.18 -7.19
C TYR A 149 4.57 -15.48 -6.42
N PHE A 150 5.58 -14.98 -7.15
CA PHE A 150 6.74 -14.31 -6.55
C PHE A 150 7.47 -13.56 -7.66
N PRO A 151 7.82 -12.32 -7.39
CA PRO A 151 7.64 -11.59 -6.15
C PRO A 151 6.30 -10.85 -6.23
N GLU A 152 6.03 -9.97 -5.25
CA GLU A 152 4.95 -8.99 -5.42
C GLU A 152 5.37 -7.94 -6.49
N PRO A 153 4.41 -7.17 -7.02
CA PRO A 153 3.00 -7.18 -6.65
C PRO A 153 2.21 -7.87 -7.72
N VAL A 154 0.96 -8.13 -7.41
CA VAL A 154 -0.06 -8.47 -8.38
C VAL A 154 -1.08 -7.32 -8.38
N THR A 155 -1.74 -7.05 -9.51
CA THR A 155 -2.89 -6.13 -9.46
C THR A 155 -4.16 -6.86 -9.84
N VAL A 156 -5.28 -6.46 -9.24
CA VAL A 156 -6.56 -7.08 -9.59
C VAL A 156 -7.61 -6.03 -9.92
N SER A 157 -8.31 -6.22 -11.03
CA SER A 157 -9.51 -5.43 -11.28
C SER A 157 -10.70 -6.36 -11.56
N TRP A 158 -11.91 -5.79 -11.57
CA TRP A 158 -13.09 -6.59 -11.91
C TRP A 158 -13.82 -6.03 -13.10
N ASN A 159 -14.23 -6.91 -14.02
CA ASN A 159 -14.86 -6.48 -15.28
C ASN A 159 -14.11 -5.32 -15.93
N SER A 160 -12.79 -5.49 -16.01
CA SER A 160 -11.91 -4.54 -16.66
C SER A 160 -12.02 -3.13 -16.08
N GLY A 161 -12.18 -3.04 -14.76
CA GLY A 161 -12.24 -1.73 -14.10
C GLY A 161 -13.63 -1.11 -14.12
N ALA A 162 -14.55 -1.73 -14.86
CA ALA A 162 -15.97 -1.37 -14.77
C ALA A 162 -16.55 -1.51 -13.36
N LEU A 163 -16.08 -2.50 -12.60
CA LEU A 163 -16.65 -2.78 -11.27
C LEU A 163 -15.69 -2.41 -10.17
N THR A 164 -16.04 -1.41 -9.36
CA THR A 164 -15.15 -0.97 -8.29
C THR A 164 -15.85 -0.88 -6.94
N SER A 165 -17.16 -0.66 -6.98
CA SER A 165 -17.96 -0.63 -5.77
C SER A 165 -18.01 -2.01 -5.11
N GLY A 166 -17.69 -2.07 -3.82
CA GLY A 166 -17.80 -3.33 -3.06
C GLY A 166 -16.64 -4.30 -3.25
N VAL A 167 -15.58 -3.82 -3.92
CA VAL A 167 -14.38 -4.64 -4.15
C VAL A 167 -13.46 -4.51 -2.95
N HIS A 168 -12.91 -5.63 -2.51
CA HIS A 168 -11.82 -5.60 -1.55
C HIS A 168 -10.70 -6.49 -1.96
N THR A 169 -9.52 -5.91 -2.15
CA THR A 169 -8.37 -6.70 -2.57
C THR A 169 -7.39 -6.71 -1.43
N PHE A 170 -7.19 -7.89 -0.83
CA PHE A 170 -6.48 -7.98 0.46
C PHE A 170 -4.97 -8.02 0.26
N PRO A 171 -4.20 -7.61 1.30
CA PRO A 171 -2.74 -7.71 1.26
C PRO A 171 -2.37 -9.17 1.03
N ALA A 172 -1.33 -9.44 0.24
CA ALA A 172 -0.93 -10.83 -0.03
C ALA A 172 -0.27 -11.43 1.23
N VAL A 173 -0.35 -12.75 1.38
CA VAL A 173 0.42 -13.43 2.42
C VAL A 173 1.48 -14.35 1.83
N LEU A 174 2.64 -14.35 2.46
CA LEU A 174 3.68 -15.27 2.04
C LEU A 174 3.40 -16.63 2.67
N GLN A 175 3.15 -17.62 1.82
CA GLN A 175 2.83 -18.96 2.30
C GLN A 175 4.10 -19.70 2.70
N SER A 176 3.92 -20.87 3.30
CA SER A 176 5.05 -21.64 3.82
C SER A 176 5.96 -22.08 2.69
N SER A 177 5.44 -22.08 1.47
CA SER A 177 6.26 -22.37 0.30
C SER A 177 7.24 -21.24 -0.05
N GLY A 178 7.10 -20.08 0.56
CA GLY A 178 7.79 -18.85 0.08
C GLY A 178 7.17 -18.22 -1.16
N LEU A 179 5.96 -18.64 -1.54
CA LEU A 179 5.22 -17.95 -2.59
C LEU A 179 3.98 -17.23 -2.04
N TYR A 180 3.60 -16.13 -2.68
CA TYR A 180 2.56 -15.26 -2.17
C TYR A 180 1.19 -15.83 -2.55
N SER A 181 0.17 -15.45 -1.78
CA SER A 181 -1.22 -15.76 -2.10
C SER A 181 -2.07 -14.57 -1.63
N LEU A 182 -3.01 -14.15 -2.48
CA LEU A 182 -3.90 -13.08 -2.11
C LEU A 182 -5.28 -13.35 -2.63
N SER A 183 -6.27 -12.70 -2.03
CA SER A 183 -7.62 -12.84 -2.55
C SER A 183 -8.23 -11.47 -2.85
N SER A 184 -9.10 -11.44 -3.84
CA SER A 184 -9.87 -10.24 -4.11
C SER A 184 -11.34 -10.60 -4.11
N VAL A 185 -12.14 -9.86 -3.37
CA VAL A 185 -13.58 -10.16 -3.34
C VAL A 185 -14.44 -8.95 -3.71
N VAL A 186 -15.67 -9.23 -4.09
CA VAL A 186 -16.65 -8.16 -4.23
C VAL A 186 -18.03 -8.65 -3.80
N THR A 187 -18.76 -7.79 -3.08
CA THR A 187 -20.16 -8.04 -2.74
C THR A 187 -21.09 -7.45 -3.81
N VAL A 188 -22.04 -8.26 -4.26
CA VAL A 188 -23.00 -7.84 -5.29
C VAL A 188 -24.40 -8.36 -4.93
N PRO A 189 -25.44 -7.83 -5.62
CA PRO A 189 -26.81 -8.28 -5.34
C PRO A 189 -27.04 -9.71 -5.82
N SER A 190 -27.53 -10.56 -4.94
CA SER A 190 -27.81 -11.97 -5.30
C SER A 190 -28.52 -12.08 -6.64
N SER A 191 -29.42 -11.14 -6.92
CA SER A 191 -30.32 -11.24 -8.06
C SER A 191 -29.57 -11.06 -9.38
N SER A 192 -28.51 -10.25 -9.35
CA SER A 192 -27.67 -10.04 -10.53
C SER A 192 -26.87 -11.29 -10.88
N LEU A 193 -27.04 -12.35 -10.10
CA LEU A 193 -26.03 -13.39 -9.98
C LEU A 193 -25.94 -14.38 -11.15
N GLY A 194 -26.99 -14.50 -11.96
CA GLY A 194 -27.87 -13.41 -12.33
C GLY A 194 -27.92 -13.20 -13.83
N THR A 195 -27.98 -11.93 -14.25
CA THR A 195 -27.84 -11.60 -15.66
C THR A 195 -26.43 -11.11 -15.99
N GLN A 196 -25.51 -11.30 -15.05
CA GLN A 196 -24.30 -10.47 -15.02
C GLN A 196 -23.04 -11.34 -14.83
N THR A 197 -22.08 -11.17 -15.74
CA THR A 197 -20.80 -11.88 -15.65
C THR A 197 -19.82 -11.13 -14.75
N TYR A 198 -19.23 -11.86 -13.80
CA TYR A 198 -18.23 -11.28 -12.92
C TYR A 198 -16.86 -11.89 -13.18
N ILE A 199 -15.92 -11.06 -13.64
CA ILE A 199 -14.62 -11.56 -14.09
C ILE A 199 -13.53 -10.77 -13.41
N CYS A 200 -12.53 -11.47 -12.90
CA CYS A 200 -11.42 -10.78 -12.27
C CYS A 200 -10.24 -10.69 -13.21
N ASN A 201 -9.64 -9.49 -13.30
CA ASN A 201 -8.48 -9.28 -14.15
C ASN A 201 -7.19 -9.21 -13.33
N VAL A 202 -6.34 -10.21 -13.51
CA VAL A 202 -5.15 -10.35 -12.68
C VAL A 202 -3.91 -10.08 -13.51
N ASN A 203 -3.09 -9.15 -13.05
CA ASN A 203 -1.85 -8.83 -13.74
C ASN A 203 -0.63 -8.99 -12.83
N HIS A 204 0.30 -9.85 -13.23
CA HIS A 204 1.59 -9.97 -12.54
C HIS A 204 2.73 -9.51 -13.44
N LYS A 205 3.16 -8.27 -13.26
CA LYS A 205 4.16 -7.66 -14.16
C LYS A 205 5.50 -8.38 -14.13
N PRO A 206 5.98 -8.79 -12.94
CA PRO A 206 7.33 -9.38 -12.88
C PRO A 206 7.46 -10.61 -13.77
N SER A 207 6.36 -11.30 -14.02
CA SER A 207 6.44 -12.52 -14.82
C SER A 207 5.72 -12.29 -16.14
N ASN A 208 5.24 -11.07 -16.35
CA ASN A 208 4.44 -10.80 -17.53
C ASN A 208 3.20 -11.66 -17.66
N THR A 209 2.47 -11.87 -16.58
CA THR A 209 1.29 -12.74 -16.63
C THR A 209 0.02 -11.91 -16.53
N LYS A 210 -0.92 -12.14 -17.44
CA LYS A 210 -2.31 -11.69 -17.32
C LYS A 210 -3.23 -12.89 -17.34
N VAL A 211 -4.18 -12.92 -16.41
CA VAL A 211 -5.20 -13.98 -16.44
C VAL A 211 -6.52 -13.36 -16.06
N ASP A 212 -7.56 -13.79 -16.76
CA ASP A 212 -8.92 -13.44 -16.44
C ASP A 212 -9.61 -14.71 -16.00
N LYS A 213 -10.28 -14.66 -14.85
CA LYS A 213 -11.09 -15.80 -14.42
C LYS A 213 -12.51 -15.36 -14.11
N LYS A 214 -13.48 -16.13 -14.58
CA LYS A 214 -14.87 -15.92 -14.22
C LYS A 214 -15.14 -16.49 -12.83
N ALA A 215 -15.82 -15.70 -11.99
CA ALA A 215 -16.26 -16.18 -10.69
C ALA A 215 -17.73 -16.59 -10.77
N GLU A 216 -17.98 -17.83 -11.19
CA GLU A 216 -19.34 -18.30 -11.45
C GLU A 216 -19.85 -19.16 -10.31
N PRO A 217 -21.16 -19.08 -10.01
CA PRO A 217 -21.78 -19.95 -9.00
C PRO A 217 -21.85 -21.40 -9.45
N LYS A 218 -21.27 -22.30 -8.66
CA LYS A 218 -21.13 -23.71 -9.05
C LYS A 218 -22.47 -24.44 -9.04
N SER A 219 -22.53 -25.56 -9.74
CA SER A 219 -23.76 -26.33 -9.88
C SER A 219 -23.65 -27.69 -9.19
N ASP B 1 22.69 14.10 10.56
CA ASP B 1 21.32 14.12 9.97
C ASP B 1 20.29 14.64 10.96
N ILE B 2 19.18 15.11 10.43
CA ILE B 2 18.15 15.64 11.28
C ILE B 2 17.08 14.58 11.47
N VAL B 3 16.89 14.20 12.73
CA VAL B 3 15.83 13.27 13.08
C VAL B 3 14.52 14.01 13.28
N MET B 4 13.49 13.52 12.60
CA MET B 4 12.16 14.10 12.72
C MET B 4 11.28 13.13 13.49
N THR B 5 10.86 13.53 14.69
CA THR B 5 10.16 12.66 15.61
C THR B 5 8.70 13.11 15.67
N GLN B 6 7.81 12.25 15.23
CA GLN B 6 6.40 12.59 15.18
C GLN B 6 5.70 12.02 16.40
N THR B 7 4.81 12.81 16.98
CA THR B 7 3.92 12.30 18.01
C THR B 7 2.49 12.76 17.76
N PRO B 8 1.49 11.88 18.00
CA PRO B 8 1.69 10.52 18.47
C PRO B 8 1.99 9.60 17.28
N LEU B 9 2.13 8.32 17.58
CA LEU B 9 2.37 7.30 16.56
C LEU B 9 1.09 6.98 15.82
N SER B 10 -0.03 7.07 16.53
CA SER B 10 -1.29 6.91 15.85
C SER B 10 -2.40 7.60 16.62
N LEU B 11 -3.52 7.75 15.95
CA LEU B 11 -4.60 8.65 16.40
C LEU B 11 -5.85 7.95 15.95
N SER B 12 -6.89 8.00 16.77
CA SER B 12 -8.23 7.69 16.32
C SER B 12 -9.13 8.91 16.59
N VAL B 13 -9.88 9.33 15.59
CA VAL B 13 -10.58 10.59 15.69
C VAL B 13 -11.98 10.44 15.14
N THR B 14 -12.96 11.01 15.83
CA THR B 14 -14.33 10.88 15.35
C THR B 14 -14.58 11.89 14.25
N PRO B 15 -15.22 11.45 13.18
CA PRO B 15 -15.41 12.31 12.02
C PRO B 15 -16.02 13.64 12.42
N GLY B 16 -15.49 14.73 11.89
CA GLY B 16 -15.96 16.07 12.22
C GLY B 16 -15.21 16.69 13.36
N GLN B 17 -14.39 15.89 14.05
CA GLN B 17 -13.62 16.45 15.18
C GLN B 17 -12.22 16.73 14.69
N PRO B 18 -11.48 17.58 15.43
CA PRO B 18 -10.10 17.97 15.06
C PRO B 18 -9.04 16.95 15.46
N ALA B 19 -7.89 17.04 14.81
CA ALA B 19 -6.74 16.25 15.24
C ALA B 19 -5.52 17.14 15.14
N SER B 20 -4.48 16.78 15.87
CA SER B 20 -3.25 17.57 15.90
C SER B 20 -2.07 16.59 15.93
N ILE B 21 -1.09 16.82 15.07
CA ILE B 21 0.11 15.99 15.03
C ILE B 21 1.30 16.91 15.25
N SER B 22 2.27 16.42 16.00
CA SER B 22 3.44 17.20 16.35
C SER B 22 4.67 16.61 15.64
N CYS B 23 5.57 17.48 15.21
CA CYS B 23 6.82 17.01 14.62
C CYS B 23 7.94 17.81 15.24
N ARG B 24 8.83 17.15 15.97
CA ARG B 24 10.00 17.83 16.50
C ARG B 24 11.28 17.38 15.81
N SER B 25 12.20 18.31 15.59
CA SER B 25 13.41 18.01 14.80
C SER B 25 14.59 18.09 15.74
N SER B 26 15.60 17.22 15.55
CA SER B 26 16.71 17.14 16.50
C SER B 26 17.57 18.37 16.40
N GLN B 27 17.49 19.09 15.28
CA GLN B 27 18.18 20.36 15.13
C GLN B 27 17.30 21.26 14.28
N SER B 28 17.65 22.61 14.38
CA SER B 28 16.79 23.58 13.72
C SER B 28 16.60 23.19 12.25
N ILE B 29 15.49 23.44 11.57
CA ILE B 29 15.38 23.30 10.14
C ILE B 29 15.04 24.65 9.51
N VAL B 30 15.55 25.74 10.21
CA VAL B 30 15.66 27.06 9.55
C VAL B 30 16.80 27.00 8.54
N HIS B 31 16.80 27.14 7.15
CA HIS B 31 17.89 27.19 6.22
C HIS B 31 18.56 28.54 6.29
N SER B 32 19.88 28.79 5.92
CA SER B 32 20.67 30.03 5.85
C SER B 32 20.01 31.16 5.03
N ASN B 33 19.15 30.82 4.06
CA ASN B 33 18.35 31.83 3.33
C ASN B 33 17.10 32.31 4.11
N GLY B 34 16.90 31.81 5.34
CA GLY B 34 15.79 32.25 6.20
C GLY B 34 14.55 31.38 6.12
N ASN B 35 14.43 30.59 5.05
CA ASN B 35 13.21 29.79 4.87
C ASN B 35 13.28 28.50 5.68
N THR B 36 12.12 27.94 6.02
CA THR B 36 12.06 26.68 6.74
C THR B 36 11.32 25.68 5.91
N TYR B 37 12.08 24.74 5.36
CA TYR B 37 11.55 23.83 4.36
C TYR B 37 10.94 22.66 5.08
N LEU B 38 9.83 22.95 5.75
CA LEU B 38 9.14 21.94 6.53
C LEU B 38 7.85 21.65 5.84
N GLU B 39 7.64 20.38 5.50
CA GLU B 39 6.53 20.00 4.67
C GLU B 39 5.76 18.84 5.31
N TRP B 40 4.47 18.72 4.97
CA TRP B 40 3.63 17.62 5.50
C TRP B 40 3.07 16.87 4.33
N TYR B 41 3.10 15.54 4.40
CA TYR B 41 2.47 14.68 3.36
C TYR B 41 1.41 13.76 3.94
N LEU B 42 0.45 13.35 3.11
CA LEU B 42 -0.42 12.26 3.52
C LEU B 42 -0.18 11.10 2.56
N GLN B 43 -0.05 9.89 3.11
CA GLN B 43 0.05 8.70 2.27
C GLN B 43 -1.14 7.79 2.54
N LYS B 44 -2.10 7.86 1.63
CA LYS B 44 -3.31 7.03 1.70
C LYS B 44 -3.00 5.59 1.33
N PRO B 45 -3.81 4.65 1.84
CA PRO B 45 -3.54 3.23 1.65
C PRO B 45 -3.17 2.90 0.19
N GLY B 46 -1.96 2.37 0.02
CA GLY B 46 -1.51 1.86 -1.26
C GLY B 46 -1.12 2.90 -2.28
N GLN B 47 -0.99 4.15 -1.85
CA GLN B 47 -0.72 5.27 -2.78
C GLN B 47 0.64 5.91 -2.53
N SER B 48 1.05 6.77 -3.46
CA SER B 48 2.19 7.65 -3.23
C SER B 48 1.82 8.71 -2.18
N PRO B 49 2.84 9.25 -1.47
CA PRO B 49 2.58 10.37 -0.58
C PRO B 49 2.05 11.56 -1.41
N GLN B 50 1.25 12.42 -0.78
CA GLN B 50 0.73 13.64 -1.43
C GLN B 50 0.95 14.85 -0.55
N LEU B 51 1.38 15.94 -1.19
CA LEU B 51 1.86 17.05 -0.42
C LEU B 51 0.63 17.78 0.14
N LEU B 52 0.71 18.21 1.39
CA LEU B 52 -0.41 18.95 2.01
C LEU B 52 0.03 20.37 2.30
N ILE B 53 1.21 20.51 2.91
CA ILE B 53 1.69 21.79 3.43
C ILE B 53 3.15 21.93 3.01
N TYR B 54 3.59 23.14 2.66
CA TYR B 54 5.02 23.40 2.42
C TYR B 54 5.44 24.69 3.09
N LYS B 55 6.75 24.89 3.30
CA LYS B 55 7.21 26.06 3.99
C LYS B 55 6.39 26.32 5.27
N VAL B 56 6.28 25.28 6.10
CA VAL B 56 5.62 25.36 7.43
C VAL B 56 4.09 25.45 7.42
N SER B 57 3.52 26.35 6.60
CA SER B 57 2.09 26.69 6.77
C SER B 57 1.34 26.96 5.48
N ASN B 58 2.01 26.80 4.35
CA ASN B 58 1.38 27.07 3.03
C ASN B 58 0.62 25.85 2.57
N ARG B 59 -0.67 26.02 2.28
CA ARG B 59 -1.49 24.90 1.91
C ARG B 59 -1.24 24.54 0.46
N PHE B 60 -1.25 23.24 0.15
CA PHE B 60 -0.98 22.79 -1.20
C PHE B 60 -2.10 23.27 -2.13
N SER B 61 -3.33 23.26 -1.62
CA SER B 61 -4.51 23.73 -2.36
C SER B 61 -4.35 25.22 -2.72
N GLY B 62 -3.56 25.94 -1.94
CA GLY B 62 -3.44 27.38 -2.14
C GLY B 62 -4.56 28.21 -1.51
N VAL B 63 -5.56 27.54 -0.95
CA VAL B 63 -6.77 28.21 -0.47
C VAL B 63 -7.07 27.75 0.96
N PRO B 64 -7.86 28.52 1.70
CA PRO B 64 -8.16 28.10 3.08
C PRO B 64 -8.85 26.73 3.10
N ASP B 65 -8.33 25.83 3.93
CA ASP B 65 -8.91 24.48 4.01
C ASP B 65 -8.57 23.86 5.36
N ARG B 66 -8.93 22.59 5.53
CA ARG B 66 -8.97 21.96 6.86
C ARG B 66 -7.58 21.67 7.45
N PHE B 67 -6.56 21.79 6.61
CA PHE B 67 -5.18 21.55 7.05
C PHE B 67 -4.48 22.83 7.42
N SER B 68 -3.88 22.84 8.60
CA SER B 68 -3.19 24.02 9.04
C SER B 68 -1.81 23.62 9.57
N GLY B 69 -0.75 24.28 9.11
CA GLY B 69 0.59 23.97 9.63
C GLY B 69 1.08 25.16 10.40
N SER B 70 1.78 24.91 11.49
CA SER B 70 2.38 25.98 12.29
C SER B 70 3.72 25.50 12.86
N GLY B 71 4.43 26.43 13.49
CA GLY B 71 5.60 26.11 14.31
C GLY B 71 6.83 26.85 13.83
N SER B 72 7.98 26.59 14.45
CA SER B 72 9.25 27.20 14.02
C SER B 72 10.42 26.48 14.65
N GLY B 73 11.62 26.71 14.09
CA GLY B 73 12.84 26.14 14.67
C GLY B 73 12.86 24.60 14.66
N THR B 74 12.54 24.01 15.80
CA THR B 74 12.55 22.55 15.97
C THR B 74 11.16 21.97 16.29
N ASP B 75 10.12 22.80 16.30
CA ASP B 75 8.82 22.36 16.83
C ASP B 75 7.66 22.76 15.92
N PHE B 76 6.96 21.78 15.33
CA PHE B 76 5.95 22.03 14.31
C PHE B 76 4.69 21.23 14.58
N THR B 77 3.57 21.70 14.08
CA THR B 77 2.29 21.07 14.34
C THR B 77 1.46 21.06 13.07
N LEU B 78 0.90 19.92 12.73
CA LEU B 78 -0.16 19.90 11.75
C LEU B 78 -1.47 19.80 12.50
N LYS B 79 -2.43 20.66 12.17
CA LYS B 79 -3.81 20.51 12.63
C LYS B 79 -4.74 20.17 11.50
N ILE B 80 -5.62 19.20 11.75
CA ILE B 80 -6.75 18.96 10.86
C ILE B 80 -8.04 19.34 11.58
N SER B 81 -8.79 20.28 11.03
CA SER B 81 -9.75 20.98 11.86
C SER B 81 -11.04 20.16 11.99
N ARG B 82 -11.40 19.42 10.94
CA ARG B 82 -12.63 18.61 11.01
C ARG B 82 -12.34 17.35 10.20
N VAL B 83 -11.87 16.31 10.88
CA VAL B 83 -11.41 15.12 10.15
C VAL B 83 -12.57 14.44 9.42
N GLU B 84 -12.33 14.02 8.18
CA GLU B 84 -13.32 13.26 7.44
C GLU B 84 -12.82 11.88 7.08
N ALA B 85 -13.74 11.01 6.69
CA ALA B 85 -13.41 9.62 6.37
C ALA B 85 -12.23 9.56 5.42
N GLU B 86 -12.20 10.50 4.47
CA GLU B 86 -11.25 10.47 3.36
C GLU B 86 -9.83 10.82 3.81
N ASP B 87 -9.67 11.33 5.03
CA ASP B 87 -8.38 11.82 5.54
C ASP B 87 -7.48 10.70 6.11
N VAL B 88 -8.01 9.49 6.12
CA VAL B 88 -7.38 8.37 6.84
C VAL B 88 -6.12 7.98 6.06
N GLY B 89 -5.02 7.80 6.78
CA GLY B 89 -3.80 7.28 6.16
C GLY B 89 -2.66 7.56 7.13
N VAL B 90 -1.44 7.61 6.61
CA VAL B 90 -0.29 7.99 7.42
C VAL B 90 0.23 9.39 7.03
N TYR B 91 0.41 10.25 8.03
CA TYR B 91 0.92 11.60 7.81
C TYR B 91 2.42 11.63 8.11
N TYR B 92 3.20 12.29 7.25
CA TYR B 92 4.63 12.44 7.50
C TYR B 92 5.00 13.90 7.48
N CYS B 93 5.83 14.32 8.41
CA CYS B 93 6.52 15.59 8.23
C CYS B 93 7.83 15.33 7.50
N PHE B 94 8.42 16.39 6.96
CA PHE B 94 9.61 16.25 6.11
C PHE B 94 10.39 17.54 6.26
N GLN B 95 11.71 17.45 6.25
CA GLN B 95 12.53 18.66 6.18
C GLN B 95 13.52 18.55 5.02
N GLY B 96 13.62 19.63 4.24
CA GLY B 96 14.56 19.73 3.14
C GLY B 96 15.54 20.87 3.32
N SER B 97 15.65 21.35 4.57
CA SER B 97 16.57 22.47 4.90
C SER B 97 18.03 22.02 4.96
N HIS B 98 18.27 20.78 5.42
CA HIS B 98 19.66 20.33 5.60
C HIS B 98 19.82 18.94 5.04
N VAL B 99 20.90 18.73 4.28
CA VAL B 99 21.15 17.44 3.62
C VAL B 99 21.67 16.38 4.61
N PRO B 100 21.10 15.15 4.61
CA PRO B 100 20.06 14.69 3.70
C PRO B 100 18.68 15.14 4.19
N PRO B 101 17.76 15.42 3.25
CA PRO B 101 16.35 15.58 3.59
C PRO B 101 15.88 14.32 4.32
N THR B 102 15.09 14.52 5.37
CA THR B 102 14.61 13.41 6.20
C THR B 102 13.12 13.56 6.47
N PHE B 103 12.44 12.43 6.54
CA PHE B 103 11.05 12.36 6.95
C PHE B 103 10.88 11.94 8.41
N GLY B 104 9.74 12.29 8.99
CA GLY B 104 9.33 11.74 10.29
C GLY B 104 8.92 10.29 10.14
N GLY B 105 8.73 9.63 11.27
CA GLY B 105 8.40 8.21 11.26
C GLY B 105 6.95 7.97 10.86
N GLY B 106 6.15 9.03 10.78
CA GLY B 106 4.73 8.88 10.40
C GLY B 106 3.76 8.78 11.58
N THR B 107 2.56 9.29 11.39
CA THR B 107 1.52 9.20 12.40
C THR B 107 0.31 8.61 11.70
N LYS B 108 -0.14 7.43 12.12
CA LYS B 108 -1.25 6.82 11.43
C LYS B 108 -2.59 7.39 11.98
N VAL B 109 -3.42 7.92 11.09
CA VAL B 109 -4.67 8.56 11.48
C VAL B 109 -5.84 7.66 11.09
N GLU B 110 -6.64 7.28 12.07
CA GLU B 110 -7.79 6.41 11.79
C GLU B 110 -9.06 7.10 12.27
N ILE B 111 -10.17 6.70 11.69
CA ILE B 111 -11.46 7.28 12.02
C ILE B 111 -12.09 6.45 13.11
N LYS B 112 -12.32 7.08 14.27
CA LYS B 112 -13.06 6.48 15.38
C LYS B 112 -14.55 6.46 15.04
N ARG B 113 -15.16 5.30 15.14
CA ARG B 113 -16.56 5.19 14.75
C ARG B 113 -17.26 4.05 15.49
N THR B 114 -18.56 3.93 15.28
CA THR B 114 -19.37 3.01 16.05
C THR B 114 -19.17 1.55 15.57
N VAL B 115 -19.48 0.59 16.45
CA VAL B 115 -19.45 -0.83 16.11
C VAL B 115 -20.22 -1.24 14.86
N ALA B 116 -19.61 -2.10 14.04
CA ALA B 116 -20.30 -2.76 12.93
C ALA B 116 -19.89 -4.24 12.91
N ALA B 117 -20.87 -5.12 12.97
CA ALA B 117 -20.57 -6.56 13.00
C ALA B 117 -20.29 -7.05 11.58
N PRO B 118 -19.36 -8.02 11.43
CA PRO B 118 -19.00 -8.41 10.07
C PRO B 118 -20.09 -9.21 9.43
N SER B 119 -20.25 -9.08 8.12
CA SER B 119 -20.87 -10.14 7.31
C SER B 119 -19.83 -11.20 7.01
N VAL B 120 -20.19 -12.47 7.25
CA VAL B 120 -19.27 -13.60 7.07
C VAL B 120 -19.68 -14.46 5.86
N PHE B 121 -18.71 -14.81 5.02
CA PHE B 121 -18.94 -15.72 3.89
C PHE B 121 -17.85 -16.78 3.88
N ILE B 122 -18.22 -18.02 3.58
CA ILE B 122 -17.23 -19.08 3.42
C ILE B 122 -17.17 -19.53 1.96
N PHE B 123 -15.99 -19.84 1.45
CA PHE B 123 -15.84 -20.32 0.04
C PHE B 123 -15.07 -21.65 0.03
N PRO B 124 -15.67 -22.71 -0.52
CA PRO B 124 -14.99 -23.99 -0.70
C PRO B 124 -13.86 -23.86 -1.71
N PRO B 125 -13.00 -24.87 -1.81
CA PRO B 125 -11.99 -24.83 -2.87
C PRO B 125 -12.59 -25.12 -4.25
N SER B 126 -12.12 -24.43 -5.28
CA SER B 126 -12.55 -24.74 -6.66
C SER B 126 -12.16 -26.14 -7.09
N ASP B 127 -12.98 -26.74 -7.94
CA ASP B 127 -12.64 -27.98 -8.62
C ASP B 127 -11.30 -27.85 -9.37
N GLU B 128 -11.10 -26.70 -10.01
CA GLU B 128 -9.81 -26.43 -10.64
C GLU B 128 -8.62 -26.57 -9.69
N GLN B 129 -8.67 -25.92 -8.52
CA GLN B 129 -7.56 -26.08 -7.58
C GLN B 129 -7.36 -27.53 -7.15
N LEU B 130 -8.46 -28.21 -6.90
CA LEU B 130 -8.41 -29.59 -6.41
C LEU B 130 -7.64 -30.50 -7.36
N LYS B 131 -7.85 -30.34 -8.66
CA LYS B 131 -7.07 -31.06 -9.67
C LYS B 131 -5.59 -31.11 -9.33
N SER B 132 -5.08 -30.07 -8.67
CA SER B 132 -3.65 -29.92 -8.46
C SER B 132 -3.21 -30.36 -7.06
N GLY B 133 -4.10 -30.90 -6.24
CA GLY B 133 -3.67 -31.59 -5.03
C GLY B 133 -3.57 -30.71 -3.80
N THR B 134 -4.04 -29.48 -3.92
CA THR B 134 -4.16 -28.60 -2.77
C THR B 134 -5.53 -28.02 -2.68
N ALA B 135 -5.99 -27.81 -1.45
CA ALA B 135 -7.30 -27.20 -1.26
C ALA B 135 -7.17 -25.95 -0.41
N SER B 136 -7.59 -24.81 -0.95
CA SER B 136 -7.76 -23.60 -0.14
C SER B 136 -9.21 -23.35 0.22
N VAL B 137 -9.47 -23.19 1.51
CA VAL B 137 -10.78 -22.77 1.94
C VAL B 137 -10.68 -21.32 2.39
N VAL B 138 -11.58 -20.48 1.92
CA VAL B 138 -11.54 -19.04 2.24
C VAL B 138 -12.78 -18.55 3.03
N CYS B 139 -12.52 -17.80 4.08
CA CYS B 139 -13.54 -17.17 4.91
C CYS B 139 -13.34 -15.65 4.81
N LEU B 140 -14.42 -14.93 4.50
CA LEU B 140 -14.39 -13.47 4.30
C LEU B 140 -15.19 -12.81 5.43
N LEU B 141 -14.54 -11.91 6.19
CA LEU B 141 -15.27 -11.07 7.11
C LEU B 141 -15.38 -9.66 6.54
N ASN B 142 -16.61 -9.22 6.28
CA ASN B 142 -16.78 -8.01 5.50
C ASN B 142 -17.33 -6.83 6.29
N ASN B 143 -16.60 -5.72 6.25
CA ASN B 143 -17.17 -4.42 6.58
C ASN B 143 -17.51 -4.28 8.06
N PHE B 144 -16.50 -4.40 8.90
CA PHE B 144 -16.75 -4.46 10.35
C PHE B 144 -15.93 -3.39 11.05
N TYR B 145 -16.29 -3.09 12.29
CA TYR B 145 -15.50 -2.20 13.13
C TYR B 145 -15.82 -2.51 14.59
N PRO B 146 -14.81 -2.47 15.47
CA PRO B 146 -13.44 -2.15 15.19
C PRO B 146 -12.68 -3.30 14.52
N ARG B 147 -11.38 -3.12 14.39
CA ARG B 147 -10.54 -4.01 13.60
C ARG B 147 -10.42 -5.38 14.25
N GLU B 148 -10.32 -5.39 15.59
CA GLU B 148 -10.17 -6.61 16.36
C GLU B 148 -11.23 -7.63 15.99
N ALA B 149 -10.80 -8.80 15.51
CA ALA B 149 -11.74 -9.87 15.17
C ALA B 149 -11.04 -11.21 15.35
N LYS B 150 -11.77 -12.24 15.76
CA LYS B 150 -11.15 -13.54 15.91
C LYS B 150 -11.79 -14.53 14.95
N VAL B 151 -10.96 -15.21 14.16
CA VAL B 151 -11.51 -16.19 13.21
C VAL B 151 -10.97 -17.56 13.59
N GLN B 152 -11.85 -18.53 13.81
CA GLN B 152 -11.38 -19.89 14.06
C GLN B 152 -11.85 -20.84 12.98
N TRP B 153 -10.91 -21.65 12.48
CA TRP B 153 -11.29 -22.71 11.55
C TRP B 153 -11.60 -24.00 12.26
N LYS B 154 -12.71 -24.64 11.92
CA LYS B 154 -12.99 -25.99 12.45
C LYS B 154 -13.21 -26.95 11.29
N VAL B 155 -12.61 -28.12 11.38
CA VAL B 155 -12.84 -29.17 10.39
C VAL B 155 -13.36 -30.41 11.13
N ASP B 156 -14.59 -30.83 10.86
CA ASP B 156 -15.20 -31.93 11.64
C ASP B 156 -14.94 -31.78 13.18
N ASN B 157 -15.32 -30.60 13.69
CA ASN B 157 -15.27 -30.27 15.11
C ASN B 157 -13.90 -30.03 15.71
N ALA B 158 -12.85 -30.10 14.87
CA ALA B 158 -11.49 -29.90 15.35
C ALA B 158 -11.01 -28.50 15.02
N LEU B 159 -10.57 -27.76 16.02
CA LEU B 159 -10.00 -26.41 15.79
C LEU B 159 -8.67 -26.56 15.01
N GLN B 160 -8.44 -25.70 14.01
CA GLN B 160 -7.24 -25.83 13.18
C GLN B 160 -6.18 -24.85 13.63
N SER B 161 -4.95 -25.31 13.82
CA SER B 161 -3.86 -24.40 14.18
C SER B 161 -2.73 -24.51 13.19
N GLY B 162 -2.10 -23.38 12.90
CA GLY B 162 -0.81 -23.39 12.20
C GLY B 162 -0.94 -23.74 10.73
N ASN B 163 -2.17 -23.76 10.22
CA ASN B 163 -2.41 -24.03 8.79
C ASN B 163 -3.35 -23.02 8.10
N SER B 164 -3.49 -21.84 8.71
CA SER B 164 -4.28 -20.77 8.10
C SER B 164 -3.47 -19.47 8.09
N GLN B 165 -3.85 -18.53 7.24
CA GLN B 165 -3.21 -17.22 7.25
C GLN B 165 -4.30 -16.22 6.94
N GLU B 166 -4.17 -15.01 7.47
CA GLU B 166 -5.17 -13.99 7.22
C GLU B 166 -4.51 -12.61 6.92
N SER B 167 -5.29 -11.73 6.30
CA SER B 167 -4.88 -10.40 5.86
C SER B 167 -6.09 -9.50 6.15
N VAL B 168 -5.82 -8.25 6.51
CA VAL B 168 -6.89 -7.30 6.77
C VAL B 168 -6.72 -6.08 5.84
N THR B 169 -7.81 -5.62 5.22
CA THR B 169 -7.68 -4.37 4.45
C THR B 169 -7.39 -3.18 5.37
N GLU B 170 -6.94 -2.08 4.78
CA GLU B 170 -6.84 -0.82 5.50
C GLU B 170 -8.24 -0.23 5.68
N GLN B 171 -8.37 0.71 6.62
CA GLN B 171 -9.62 1.40 6.85
C GLN B 171 -10.09 2.04 5.57
N ASP B 172 -11.24 1.55 5.11
CA ASP B 172 -11.94 2.08 3.96
C ASP B 172 -12.07 3.60 4.09
N SER B 173 -11.72 4.33 3.04
CA SER B 173 -11.80 5.79 3.05
C SER B 173 -13.24 6.35 2.96
N LYS B 174 -14.22 5.49 2.70
CA LYS B 174 -15.64 5.90 2.68
C LYS B 174 -16.40 5.58 3.98
N ASP B 175 -16.56 4.29 4.28
CA ASP B 175 -17.34 3.85 5.45
C ASP B 175 -16.50 3.62 6.71
N SER B 176 -15.17 3.65 6.55
CA SER B 176 -14.26 3.53 7.68
C SER B 176 -14.33 2.14 8.37
N THR B 177 -14.73 1.13 7.61
CA THR B 177 -14.71 -0.25 8.13
C THR B 177 -13.48 -1.01 7.62
N TYR B 178 -13.21 -2.17 8.24
CA TYR B 178 -12.20 -3.11 7.79
C TYR B 178 -12.85 -4.32 7.15
N SER B 179 -12.09 -5.02 6.32
CA SER B 179 -12.47 -6.38 5.91
C SER B 179 -11.31 -7.35 6.13
N LEU B 180 -11.64 -8.63 6.31
CA LEU B 180 -10.61 -9.61 6.67
C LEU B 180 -10.78 -10.86 5.84
N SER B 181 -9.66 -11.36 5.32
CA SER B 181 -9.68 -12.64 4.57
C SER B 181 -8.80 -13.69 5.26
N SER B 182 -9.32 -14.90 5.43
CA SER B 182 -8.52 -16.00 6.01
C SER B 182 -8.53 -17.20 5.11
N THR B 183 -7.36 -17.80 4.91
CA THR B 183 -7.26 -18.98 4.08
C THR B 183 -6.79 -20.17 4.93
N LEU B 184 -7.58 -21.24 4.92
CA LEU B 184 -7.16 -22.53 5.46
C LEU B 184 -6.57 -23.30 4.29
N THR B 185 -5.32 -23.78 4.42
CA THR B 185 -4.74 -24.62 3.38
C THR B 185 -4.56 -26.09 3.81
N LEU B 186 -5.17 -27.01 3.07
CA LEU B 186 -4.99 -28.46 3.29
C LEU B 186 -4.47 -29.12 2.01
N SER B 187 -3.87 -30.30 2.15
CA SER B 187 -3.70 -31.17 0.99
C SER B 187 -5.07 -31.62 0.51
N LYS B 188 -5.17 -31.97 -0.77
CA LYS B 188 -6.40 -32.52 -1.31
C LYS B 188 -6.83 -33.76 -0.54
N ALA B 189 -5.86 -34.62 -0.24
CA ALA B 189 -6.11 -35.86 0.48
C ALA B 189 -6.77 -35.58 1.82
N ASP B 190 -6.21 -34.63 2.57
CA ASP B 190 -6.80 -34.23 3.85
C ASP B 190 -8.19 -33.59 3.71
N TYR B 191 -8.37 -32.75 2.69
CA TYR B 191 -9.65 -32.13 2.43
C TYR B 191 -10.73 -33.19 2.17
N GLU B 192 -10.40 -34.20 1.35
CA GLU B 192 -11.39 -35.22 0.95
C GLU B 192 -11.67 -36.22 2.10
N LYS B 193 -10.78 -36.28 3.07
CA LYS B 193 -10.96 -37.10 4.26
C LYS B 193 -12.08 -36.57 5.16
N HIS B 194 -12.40 -35.28 5.05
CA HIS B 194 -13.28 -34.63 6.02
C HIS B 194 -14.48 -34.05 5.40
N LYS B 195 -15.43 -33.71 6.27
CA LYS B 195 -16.75 -33.41 5.81
C LYS B 195 -17.19 -31.97 6.04
N VAL B 196 -17.11 -31.54 7.30
CA VAL B 196 -17.70 -30.26 7.66
C VAL B 196 -16.60 -29.21 7.84
N TYR B 197 -16.67 -28.13 7.04
CA TYR B 197 -15.68 -27.03 7.11
C TYR B 197 -16.33 -25.77 7.61
N ALA B 198 -15.82 -25.20 8.70
CA ALA B 198 -16.46 -24.01 9.28
C ALA B 198 -15.43 -22.95 9.65
N CYS B 199 -15.78 -21.69 9.39
CA CYS B 199 -15.12 -20.59 10.09
C CYS B 199 -16.03 -19.93 11.11
N GLU B 200 -15.48 -19.78 12.31
CA GLU B 200 -16.26 -19.28 13.43
C GLU B 200 -15.71 -17.92 13.78
N VAL B 201 -16.57 -16.90 13.80
CA VAL B 201 -16.10 -15.50 13.96
C VAL B 201 -16.60 -14.85 15.25
N THR B 202 -15.69 -14.26 16.00
CA THR B 202 -16.08 -13.51 17.18
C THR B 202 -15.68 -12.03 17.03
N HIS B 203 -16.53 -11.13 17.51
CA HIS B 203 -16.35 -9.70 17.26
C HIS B 203 -17.27 -8.93 18.18
N GLN B 204 -16.82 -7.76 18.59
CA GLN B 204 -17.64 -6.88 19.44
C GLN B 204 -19.06 -6.65 18.91
N GLY B 205 -19.23 -6.79 17.60
CA GLY B 205 -20.54 -6.78 17.02
C GLY B 205 -21.53 -7.79 17.60
N LEU B 206 -21.04 -8.91 18.13
CA LEU B 206 -21.75 -10.19 18.04
C LEU B 206 -21.91 -10.80 19.42
N SER B 207 -23.11 -10.70 19.98
CA SER B 207 -23.36 -11.23 21.32
C SER B 207 -23.26 -12.78 21.26
N SER B 208 -23.29 -13.32 20.05
CA SER B 208 -23.03 -14.74 19.83
C SER B 208 -22.08 -14.95 18.62
N PRO B 209 -21.15 -15.92 18.69
CA PRO B 209 -20.20 -16.17 17.60
C PRO B 209 -20.91 -16.65 16.35
N VAL B 210 -20.53 -16.10 15.18
CA VAL B 210 -21.19 -16.48 13.93
C VAL B 210 -20.39 -17.58 13.24
N THR B 211 -21.04 -18.68 12.90
CA THR B 211 -20.42 -19.74 12.14
C THR B 211 -21.01 -19.86 10.74
N LYS B 212 -20.16 -19.83 9.73
CA LYS B 212 -20.54 -20.22 8.39
C LYS B 212 -19.84 -21.51 8.05
N SER B 213 -20.56 -22.41 7.39
CA SER B 213 -19.98 -23.69 7.05
C SER B 213 -20.53 -24.25 5.75
N PHE B 214 -19.83 -25.26 5.23
CA PHE B 214 -20.35 -26.07 4.14
C PHE B 214 -19.95 -27.51 4.40
N ASN B 215 -20.65 -28.45 3.78
CA ASN B 215 -20.24 -29.86 3.79
C ASN B 215 -19.63 -30.23 2.44
N ARG B 216 -18.42 -30.78 2.44
CA ARG B 216 -17.77 -31.10 1.18
C ARG B 216 -18.69 -32.02 0.37
N GLY B 217 -19.20 -31.53 -0.75
CA GLY B 217 -19.96 -32.37 -1.68
C GLY B 217 -21.38 -31.95 -2.00
N GLU B 218 -22.03 -31.22 -1.09
CA GLU B 218 -23.37 -30.68 -1.36
C GLU B 218 -23.31 -29.56 -2.40
N CYS B 219 -24.23 -29.60 -3.36
CA CYS B 219 -24.28 -28.57 -4.40
C CYS B 219 -25.69 -28.01 -4.57
N LEU C 1 25.99 18.20 0.16
CA LEU C 1 25.50 19.59 0.33
C LEU C 1 24.61 20.07 -0.81
N ALA C 2 24.71 19.41 -1.96
CA ALA C 2 23.61 19.43 -2.94
C ALA C 2 22.49 18.51 -2.42
N GLY C 3 21.27 18.69 -2.94
CA GLY C 3 20.17 17.83 -2.56
C GLY C 3 19.11 18.50 -1.68
N GLY C 4 19.46 19.62 -1.07
CA GLY C 4 18.50 20.40 -0.27
C GLY C 4 17.46 21.16 -1.08
N SER C 5 16.35 21.50 -0.41
CA SER C 5 15.28 22.25 -1.06
C SER C 5 15.81 23.58 -1.61
N ALA C 6 16.67 24.22 -0.85
CA ALA C 6 17.18 25.55 -1.23
C ALA C 6 17.95 25.52 -2.55
N GLN C 7 18.47 24.35 -2.90
CA GLN C 7 19.24 24.17 -4.13
C GLN C 7 18.42 23.66 -5.29
N SER C 8 17.12 23.48 -5.09
CA SER C 8 16.33 22.67 -6.01
C SER C 8 15.99 23.39 -7.32
N GLN C 9 15.98 24.73 -7.29
CA GLN C 9 15.52 25.49 -8.48
C GLN C 9 16.51 26.52 -9.04
N ARG C 10 16.23 26.99 -10.26
CA ARG C 10 17.18 27.81 -11.02
C ARG C 10 17.25 29.22 -10.44
N ALA C 11 16.08 29.81 -10.19
CA ALA C 11 16.08 31.12 -9.60
C ALA C 11 16.16 30.91 -8.09
N PRO C 12 16.76 31.86 -7.37
CA PRO C 12 16.80 31.69 -5.91
C PRO C 12 15.40 31.74 -5.29
N ASP C 13 15.23 31.06 -4.18
CA ASP C 13 13.95 31.12 -3.47
C ASP C 13 13.90 32.52 -2.85
N ARG C 14 12.70 33.03 -2.63
CA ARG C 14 12.49 34.24 -1.84
C ARG C 14 11.87 33.95 -0.46
#